data_7A1Z
#
_entry.id   7A1Z
#
_cell.length_a   46.474
_cell.length_b   47.612
_cell.length_c   50.472
_cell.angle_alpha   66.923
_cell.angle_beta   89.637
_cell.angle_gamma   89.024
#
_symmetry.space_group_name_H-M   'P 1'
#
loop_
_entity.id
_entity.type
_entity.pdbx_description
1 polymer "Casein kinase II subunit alpha'"
2 non-polymer 6-bromanyl-5-chloranyl-1~{H}-[1,2,3]triazolo[4,5-b]pyridine
3 non-polymer 'CHLORIDE ION'
4 non-polymer 1,2-ETHANEDIOL
5 water water
#
_entity_poly.entity_id   1
_entity_poly.type   'polypeptide(L)'
_entity_poly.pdbx_seq_one_letter_code
;MGSSHHHHHHSQDPMPGPAAGSRARVYAEVNSLRSREYWDYEAHVPSWGNQDDYQLVRKLGRGKYSEVFEAINITNNERV
VVKILKPVKKKKIKREVKILENLRGGTNIIKLIDTVKDPVSKTPALVFEYINNTDFKQLYQILTDFDIRFYMYELLKALD
YCHSKGIMHRDVKPHNVMIDHQQKKLRLIDWGLAEFYHPAQEYNVRVASRYFKGPELLVDYQMYDYSLDMWSLGCMLASM
IFRREPFFHGQDNYDQLVRIAKVLGTEELYGYLKKYHIDLDPHFNDILGQHSRKRWENFIHSENRHLVSPEALDLLDKLL
RYDHQQRLTAKEAMEHPYFYPVVKEQSQPSADNAVLSSGLTAAR
;
_entity_poly.pdbx_strand_id   A
#
loop_
_chem_comp.id
_chem_comp.type
_chem_comp.name
_chem_comp.formula
CL non-polymer 'CHLORIDE ION' 'Cl -1'
EDO non-polymer 1,2-ETHANEDIOL 'C2 H6 O2'
QWN non-polymer 6-bromanyl-5-chloranyl-1~{H}-[1,2,3]triazolo[4,5-b]pyridine 'C5 H2 Br Cl N4'
#
# COMPACT_ATOMS: atom_id res chain seq x y z
N GLY A 21 0.19 23.26 8.13
CA GLY A 21 0.67 22.01 8.70
C GLY A 21 1.63 21.21 7.85
N SER A 22 1.05 20.29 7.12
CA SER A 22 1.74 19.53 6.10
C SER A 22 0.77 19.33 4.95
N ARG A 23 1.30 19.34 3.72
N ARG A 23 1.32 19.26 3.73
CA ARG A 23 0.56 19.00 2.53
CA ARG A 23 0.57 19.03 2.50
C ARG A 23 1.36 18.03 1.67
C ARG A 23 1.36 18.12 1.56
N ALA A 24 0.65 17.26 0.84
CA ALA A 24 1.28 16.46 -0.20
C ALA A 24 2.00 17.38 -1.19
N ARG A 25 3.16 16.92 -1.72
CA ARG A 25 3.89 17.67 -2.73
C ARG A 25 3.30 17.48 -4.11
N VAL A 26 2.46 16.46 -4.30
CA VAL A 26 1.84 16.15 -5.57
C VAL A 26 0.37 15.85 -5.31
N TYR A 27 -0.46 16.15 -6.30
N TYR A 27 -0.46 16.14 -6.31
CA TYR A 27 -1.84 15.70 -6.30
CA TYR A 27 -1.88 15.77 -6.30
C TYR A 27 -2.62 16.31 -5.13
C TYR A 27 -2.59 16.28 -5.06
N ALA A 28 -2.17 17.44 -4.59
CA ALA A 28 -2.73 17.94 -3.36
C ALA A 28 -4.14 18.42 -3.57
N GLU A 29 -4.43 19.07 -4.70
CA GLU A 29 -5.72 19.68 -4.95
C GLU A 29 -6.59 18.88 -5.89
N VAL A 30 -6.21 17.66 -6.24
CA VAL A 30 -6.92 17.08 -7.35
C VAL A 30 -8.36 16.72 -7.00
N ASN A 31 -8.67 16.37 -5.75
CA ASN A 31 -10.08 16.12 -5.45
C ASN A 31 -10.88 17.42 -5.45
N SER A 32 -10.30 18.51 -4.94
CA SER A 32 -11.03 19.76 -4.94
C SER A 32 -11.30 20.27 -6.33
N LEU A 33 -10.50 19.87 -7.32
CA LEU A 33 -10.68 20.30 -8.69
C LEU A 33 -11.66 19.45 -9.45
N ARG A 34 -12.11 18.34 -8.87
CA ARG A 34 -13.11 17.47 -9.48
C ARG A 34 -14.49 17.79 -8.94
N SER A 35 -15.51 17.27 -9.64
CA SER A 35 -16.87 17.32 -9.13
C SER A 35 -16.95 16.72 -7.74
N ARG A 36 -17.77 17.32 -6.88
CA ARG A 36 -17.97 16.77 -5.55
C ARG A 36 -18.35 15.30 -5.58
N GLU A 37 -19.19 14.92 -6.55
N GLU A 37 -19.17 14.89 -6.55
CA GLU A 37 -19.62 13.52 -6.69
CA GLU A 37 -19.60 13.50 -6.57
C GLU A 37 -18.42 12.56 -6.66
C GLU A 37 -18.43 12.54 -6.70
N TYR A 38 -17.29 12.98 -7.21
CA TYR A 38 -16.12 12.10 -7.32
C TYR A 38 -15.66 11.60 -5.95
N TRP A 39 -15.58 12.51 -4.98
CA TRP A 39 -15.02 12.18 -3.67
C TRP A 39 -16.04 12.05 -2.55
N ASP A 40 -17.28 12.47 -2.77
CA ASP A 40 -18.31 12.44 -1.72
C ASP A 40 -18.96 11.05 -1.72
N TYR A 41 -18.19 10.08 -1.21
CA TYR A 41 -18.61 8.69 -1.27
C TYR A 41 -19.84 8.42 -0.44
N GLU A 42 -20.10 9.21 0.60
CA GLU A 42 -21.31 9.01 1.39
C GLU A 42 -22.57 9.21 0.56
N ALA A 43 -22.49 10.01 -0.50
CA ALA A 43 -23.61 10.26 -1.38
C ALA A 43 -23.68 9.27 -2.52
N HIS A 44 -22.71 8.37 -2.63
CA HIS A 44 -22.70 7.43 -3.74
C HIS A 44 -23.77 6.38 -3.56
N VAL A 45 -24.46 6.05 -4.65
CA VAL A 45 -25.48 5.01 -4.68
C VAL A 45 -25.03 3.95 -5.67
N PRO A 46 -24.41 2.89 -5.19
CA PRO A 46 -24.01 1.80 -6.07
C PRO A 46 -25.22 1.16 -6.73
N SER A 47 -24.97 0.53 -7.86
CA SER A 47 -25.95 -0.33 -8.51
C SER A 47 -25.62 -1.77 -8.16
N TRP A 48 -26.50 -2.42 -7.41
CA TRP A 48 -26.23 -3.74 -6.86
C TRP A 48 -26.84 -4.81 -7.75
N GLY A 49 -25.99 -5.58 -8.43
CA GLY A 49 -26.41 -6.72 -9.21
C GLY A 49 -26.67 -7.92 -8.34
N ASN A 50 -26.90 -9.05 -9.00
CA ASN A 50 -27.42 -10.25 -8.35
C ASN A 50 -26.30 -11.25 -8.08
N GLN A 51 -26.04 -11.51 -6.81
CA GLN A 51 -24.98 -12.46 -6.47
C GLN A 51 -25.32 -13.88 -6.90
N ASP A 52 -26.59 -14.18 -7.21
CA ASP A 52 -26.97 -15.53 -7.61
C ASP A 52 -26.30 -15.98 -8.91
N ASP A 53 -25.71 -15.05 -9.68
CA ASP A 53 -24.95 -15.43 -10.85
C ASP A 53 -23.61 -16.08 -10.51
N TYR A 54 -23.20 -16.11 -9.25
CA TYR A 54 -21.88 -16.56 -8.86
C TYR A 54 -21.97 -17.79 -7.98
N GLN A 55 -21.12 -18.76 -8.26
CA GLN A 55 -20.95 -19.96 -7.48
C GLN A 55 -19.64 -19.88 -6.72
N LEU A 56 -19.70 -19.93 -5.39
CA LEU A 56 -18.48 -19.90 -4.58
C LEU A 56 -17.79 -21.26 -4.64
N VAL A 57 -16.49 -21.26 -4.88
CA VAL A 57 -15.72 -22.49 -5.06
C VAL A 57 -14.79 -22.78 -3.88
N ARG A 58 -14.13 -21.76 -3.33
CA ARG A 58 -13.13 -22.00 -2.30
C ARG A 58 -12.94 -20.71 -1.51
N LYS A 59 -12.78 -20.84 -0.21
CA LYS A 59 -12.47 -19.71 0.65
C LYS A 59 -10.97 -19.44 0.51
N LEU A 60 -10.62 -18.18 0.26
CA LEU A 60 -9.23 -17.77 0.14
C LEU A 60 -8.68 -17.18 1.42
N GLY A 61 -9.53 -16.56 2.23
CA GLY A 61 -9.12 -15.57 3.22
C GLY A 61 -10.34 -14.98 3.90
N ARG A 62 -10.06 -14.27 5.00
CA ARG A 62 -11.07 -13.70 5.88
C ARG A 62 -10.48 -12.72 6.87
N GLY A 63 -11.12 -11.56 6.96
CA GLY A 63 -10.72 -10.51 7.86
C GLY A 63 -11.91 -10.13 8.72
N LYS A 64 -11.68 -9.15 9.58
CA LYS A 64 -12.74 -8.73 10.49
C LYS A 64 -13.90 -8.08 9.76
N TYR A 65 -13.70 -7.61 8.53
CA TYR A 65 -14.74 -6.91 7.79
C TYR A 65 -15.26 -7.68 6.57
N SER A 66 -14.69 -8.84 6.23
CA SER A 66 -14.99 -9.44 4.94
C SER A 66 -14.45 -10.86 4.90
N GLU A 67 -14.94 -11.62 3.93
N GLU A 67 -14.95 -11.64 3.93
CA GLU A 67 -14.36 -12.90 3.61
CA GLU A 67 -14.47 -12.98 3.64
C GLU A 67 -14.36 -13.05 2.12
C GLU A 67 -14.39 -13.08 2.13
N VAL A 68 -13.36 -13.76 1.63
CA VAL A 68 -12.99 -13.72 0.24
C VAL A 68 -12.98 -15.13 -0.31
N PHE A 69 -13.59 -15.30 -1.46
CA PHE A 69 -13.76 -16.59 -2.12
C PHE A 69 -13.34 -16.54 -3.57
N GLU A 70 -12.74 -17.62 -4.06
CA GLU A 70 -12.74 -17.90 -5.47
C GLU A 70 -14.14 -18.31 -5.89
N ALA A 71 -14.57 -17.87 -7.07
CA ALA A 71 -15.92 -18.14 -7.52
C ALA A 71 -15.94 -18.26 -9.05
N ILE A 72 -17.06 -18.78 -9.57
CA ILE A 72 -17.33 -18.84 -11.00
C ILE A 72 -18.63 -18.10 -11.31
N ASN A 73 -18.61 -17.24 -12.32
CA ASN A 73 -19.85 -16.69 -12.85
C ASN A 73 -20.51 -17.77 -13.69
N ILE A 74 -21.66 -18.27 -13.25
CA ILE A 74 -22.28 -19.41 -13.93
C ILE A 74 -22.88 -19.05 -15.28
N THR A 75 -23.05 -17.75 -15.54
CA THR A 75 -23.64 -17.33 -16.81
C THR A 75 -22.62 -17.32 -17.94
N ASN A 76 -21.31 -17.22 -17.65
CA ASN A 76 -20.31 -17.13 -18.70
C ASN A 76 -19.02 -17.90 -18.37
N ASN A 77 -19.00 -18.67 -17.28
CA ASN A 77 -17.90 -19.53 -16.84
C ASN A 77 -16.65 -18.76 -16.41
N GLU A 78 -16.76 -17.47 -16.16
CA GLU A 78 -15.59 -16.69 -15.77
C GLU A 78 -15.22 -16.96 -14.31
N ARG A 79 -13.95 -17.23 -14.06
CA ARG A 79 -13.44 -17.32 -12.70
C ARG A 79 -13.16 -15.93 -12.15
N VAL A 80 -13.60 -15.68 -10.91
CA VAL A 80 -13.57 -14.37 -10.28
C VAL A 80 -13.23 -14.56 -8.80
N VAL A 81 -13.11 -13.44 -8.09
CA VAL A 81 -13.00 -13.43 -6.63
C VAL A 81 -14.19 -12.64 -6.10
N VAL A 82 -14.85 -13.18 -5.07
CA VAL A 82 -15.99 -12.53 -4.41
C VAL A 82 -15.56 -12.19 -2.99
N LYS A 83 -15.66 -10.92 -2.63
CA LYS A 83 -15.40 -10.44 -1.27
C LYS A 83 -16.72 -10.04 -0.64
N ILE A 84 -17.16 -10.79 0.35
CA ILE A 84 -18.45 -10.54 1.00
C ILE A 84 -18.19 -9.56 2.13
N LEU A 85 -18.95 -8.47 2.13
CA LEU A 85 -18.74 -7.40 3.10
C LEU A 85 -19.66 -7.59 4.32
N LYS A 86 -19.18 -7.18 5.47
CA LYS A 86 -20.08 -7.19 6.64
C LYS A 86 -21.05 -6.01 6.52
N PRO A 87 -22.36 -6.23 6.41
CA PRO A 87 -23.25 -5.16 5.91
C PRO A 87 -23.47 -3.97 6.86
N VAL A 88 -23.06 -4.04 8.13
CA VAL A 88 -23.36 -2.95 9.07
C VAL A 88 -22.55 -1.69 8.79
N LYS A 89 -21.51 -1.80 7.98
CA LYS A 89 -20.51 -0.73 7.83
C LYS A 89 -20.80 0.09 6.56
N LYS A 90 -21.97 0.74 6.54
CA LYS A 90 -22.47 1.24 5.27
C LYS A 90 -21.58 2.32 4.68
N LYS A 91 -21.06 3.22 5.52
CA LYS A 91 -20.21 4.28 5.00
C LYS A 91 -18.93 3.70 4.42
N LYS A 92 -18.35 2.70 5.08
CA LYS A 92 -17.10 2.13 4.61
C LYS A 92 -17.32 1.32 3.35
N ILE A 93 -18.50 0.70 3.21
CA ILE A 93 -18.83 0.02 1.95
C ILE A 93 -18.85 1.02 0.81
N LYS A 94 -19.57 2.14 1.00
CA LYS A 94 -19.64 3.14 -0.06
C LYS A 94 -18.26 3.65 -0.41
N ARG A 95 -17.39 3.83 0.60
CA ARG A 95 -16.06 4.35 0.38
C ARG A 95 -15.27 3.40 -0.53
N GLU A 96 -15.24 2.12 -0.18
CA GLU A 96 -14.47 1.16 -0.96
C GLU A 96 -15.02 1.04 -2.38
N VAL A 97 -16.36 1.00 -2.52
CA VAL A 97 -16.98 0.92 -3.85
C VAL A 97 -16.62 2.13 -4.69
N LYS A 98 -16.81 3.33 -4.13
CA LYS A 98 -16.57 4.53 -4.92
C LYS A 98 -15.10 4.64 -5.32
N ILE A 99 -14.19 4.33 -4.40
CA ILE A 99 -12.76 4.32 -4.71
C ILE A 99 -12.47 3.35 -5.84
N LEU A 100 -12.99 2.12 -5.76
CA LEU A 100 -12.70 1.14 -6.80
C LEU A 100 -13.28 1.56 -8.14
N GLU A 101 -14.46 2.18 -8.14
CA GLU A 101 -15.03 2.67 -9.38
C GLU A 101 -14.20 3.80 -9.96
N ASN A 102 -13.70 4.71 -9.10
CA ASN A 102 -12.88 5.81 -9.58
C ASN A 102 -11.56 5.33 -10.15
N LEU A 103 -11.06 4.19 -9.68
CA LEU A 103 -9.77 3.64 -10.10
C LEU A 103 -9.89 2.68 -11.27
N ARG A 104 -11.09 2.45 -11.78
CA ARG A 104 -11.24 1.41 -12.77
C ARG A 104 -10.42 1.72 -14.02
N GLY A 105 -9.78 0.71 -14.52
CA GLY A 105 -8.85 0.87 -15.61
C GLY A 105 -7.44 1.28 -15.22
N GLY A 106 -7.19 1.66 -13.97
CA GLY A 106 -5.84 2.03 -13.58
C GLY A 106 -4.89 0.85 -13.67
N THR A 107 -3.66 1.16 -14.03
CA THR A 107 -2.65 0.13 -14.23
C THR A 107 -2.34 -0.59 -12.94
N ASN A 108 -2.50 -1.91 -12.98
CA ASN A 108 -2.17 -2.80 -11.86
C ASN A 108 -3.02 -2.61 -10.63
N ILE A 109 -4.16 -1.95 -10.77
CA ILE A 109 -5.18 -1.92 -9.72
C ILE A 109 -6.15 -3.05 -9.97
N ILE A 110 -6.46 -3.82 -8.93
CA ILE A 110 -7.41 -4.92 -9.12
C ILE A 110 -8.69 -4.41 -9.75
N LYS A 111 -9.18 -5.13 -10.76
CA LYS A 111 -10.39 -4.73 -11.47
C LYS A 111 -11.64 -5.18 -10.70
N LEU A 112 -12.46 -4.20 -10.34
CA LEU A 112 -13.81 -4.44 -9.81
C LEU A 112 -14.73 -4.75 -11.00
N ILE A 113 -15.17 -6.00 -11.10
CA ILE A 113 -16.09 -6.43 -12.15
C ILE A 113 -17.52 -6.02 -11.83
N ASP A 114 -17.95 -6.18 -10.59
CA ASP A 114 -19.32 -5.78 -10.26
C ASP A 114 -19.47 -5.66 -8.75
N THR A 115 -20.54 -4.98 -8.38
CA THR A 115 -21.02 -4.85 -7.02
C THR A 115 -22.36 -5.58 -6.96
N VAL A 116 -22.46 -6.59 -6.09
CA VAL A 116 -23.64 -7.44 -6.08
C VAL A 116 -24.16 -7.61 -4.64
N LYS A 117 -25.40 -8.07 -4.53
CA LYS A 117 -26.01 -8.42 -3.26
C LYS A 117 -26.64 -9.79 -3.36
N ASP A 118 -26.65 -10.53 -2.24
CA ASP A 118 -27.58 -11.64 -2.05
C ASP A 118 -28.96 -11.02 -2.17
N PRO A 119 -29.80 -11.45 -3.12
CA PRO A 119 -31.05 -10.74 -3.38
C PRO A 119 -32.08 -10.89 -2.29
N VAL A 120 -31.88 -11.80 -1.33
CA VAL A 120 -32.77 -11.95 -0.20
C VAL A 120 -32.25 -11.23 1.05
N SER A 121 -31.03 -11.53 1.47
CA SER A 121 -30.49 -10.89 2.67
C SER A 121 -30.05 -9.45 2.41
N LYS A 122 -29.76 -9.11 1.17
CA LYS A 122 -29.20 -7.83 0.78
C LYS A 122 -27.76 -7.62 1.25
N THR A 123 -27.07 -8.66 1.71
CA THR A 123 -25.67 -8.51 2.08
C THR A 123 -24.87 -8.19 0.83
N PRO A 124 -24.05 -7.15 0.87
CA PRO A 124 -23.29 -6.76 -0.32
C PRO A 124 -21.96 -7.48 -0.46
N ALA A 125 -21.50 -7.56 -1.70
CA ALA A 125 -20.25 -8.22 -2.05
C ALA A 125 -19.64 -7.52 -3.26
N LEU A 126 -18.32 -7.64 -3.36
CA LEU A 126 -17.56 -7.12 -4.48
C LEU A 126 -17.02 -8.27 -5.32
N VAL A 127 -17.12 -8.14 -6.63
CA VAL A 127 -16.62 -9.16 -7.54
C VAL A 127 -15.42 -8.58 -8.25
N PHE A 128 -14.30 -9.28 -8.15
CA PHE A 128 -13.03 -8.88 -8.71
C PHE A 128 -12.54 -9.87 -9.77
N GLU A 129 -11.68 -9.36 -10.65
CA GLU A 129 -10.92 -10.25 -11.51
C GLU A 129 -10.10 -11.22 -10.67
N TYR A 130 -9.95 -12.42 -11.21
CA TYR A 130 -9.14 -13.45 -10.61
C TYR A 130 -7.66 -13.23 -10.96
N ILE A 131 -6.79 -13.50 -9.98
CA ILE A 131 -5.35 -13.60 -10.22
C ILE A 131 -4.81 -14.77 -9.42
N ASN A 132 -3.91 -15.51 -10.03
CA ASN A 132 -3.31 -16.71 -9.45
C ASN A 132 -2.02 -16.30 -8.75
N ASN A 133 -2.10 -15.99 -7.44
CA ASN A 133 -1.00 -15.41 -6.66
C ASN A 133 -0.02 -16.46 -6.18
N THR A 134 1.25 -16.10 -6.27
CA THR A 134 2.36 -16.86 -5.75
C THR A 134 2.60 -16.38 -4.32
N ASP A 135 2.53 -17.31 -3.36
CA ASP A 135 2.71 -16.97 -1.96
C ASP A 135 3.97 -16.12 -1.75
N PHE A 136 3.79 -14.97 -1.12
CA PHE A 136 4.91 -14.02 -1.06
C PHE A 136 6.08 -14.51 -0.19
N LYS A 137 5.82 -15.27 0.88
CA LYS A 137 6.94 -15.67 1.73
C LYS A 137 7.97 -16.48 0.95
N GLN A 138 7.48 -17.40 0.12
CA GLN A 138 8.38 -18.19 -0.72
C GLN A 138 8.96 -17.33 -1.83
N LEU A 139 8.11 -16.55 -2.50
CA LEU A 139 8.55 -15.76 -3.66
C LEU A 139 9.70 -14.84 -3.29
N TYR A 140 9.60 -14.17 -2.13
CA TYR A 140 10.56 -13.11 -1.84
C TYR A 140 11.93 -13.66 -1.50
N GLN A 141 12.05 -14.97 -1.38
CA GLN A 141 13.36 -15.58 -1.20
C GLN A 141 13.98 -16.06 -2.51
N ILE A 142 13.28 -15.96 -3.64
CA ILE A 142 13.80 -16.43 -4.92
C ILE A 142 13.82 -15.36 -6.00
N LEU A 143 13.44 -14.14 -5.71
CA LEU A 143 13.44 -13.09 -6.72
C LEU A 143 14.86 -12.78 -7.16
N THR A 144 15.04 -12.50 -8.45
CA THR A 144 16.31 -11.97 -8.96
C THR A 144 16.33 -10.44 -8.83
N ASP A 145 17.52 -9.86 -9.06
CA ASP A 145 17.65 -8.41 -9.06
C ASP A 145 16.66 -7.79 -10.06
N PHE A 146 16.61 -8.30 -11.27
CA PHE A 146 15.68 -7.78 -12.26
C PHE A 146 14.24 -7.95 -11.81
N ASP A 147 13.90 -9.10 -11.22
CA ASP A 147 12.53 -9.32 -10.79
C ASP A 147 12.09 -8.24 -9.80
N ILE A 148 12.94 -7.94 -8.81
CA ILE A 148 12.60 -6.94 -7.80
C ILE A 148 12.37 -5.60 -8.47
N ARG A 149 13.28 -5.20 -9.36
CA ARG A 149 13.09 -3.95 -10.08
C ARG A 149 11.76 -3.97 -10.83
N PHE A 150 11.47 -5.07 -11.52
CA PHE A 150 10.25 -5.16 -12.33
C PHE A 150 9.00 -5.06 -11.47
N TYR A 151 8.92 -5.85 -10.41
CA TYR A 151 7.70 -5.85 -9.60
C TYR A 151 7.54 -4.55 -8.84
N MET A 152 8.63 -3.97 -8.34
CA MET A 152 8.52 -2.67 -7.68
C MET A 152 8.06 -1.60 -8.66
N TYR A 153 8.53 -1.66 -9.91
CA TYR A 153 8.05 -0.72 -10.93
C TYR A 153 6.56 -0.90 -11.20
N GLU A 154 6.11 -2.14 -11.31
CA GLU A 154 4.69 -2.39 -11.53
C GLU A 154 3.84 -1.91 -10.34
N LEU A 155 4.31 -2.13 -9.11
CA LEU A 155 3.57 -1.62 -7.95
C LEU A 155 3.54 -0.10 -7.92
N LEU A 156 4.65 0.53 -8.29
CA LEU A 156 4.69 1.98 -8.37
C LEU A 156 3.69 2.51 -9.40
N LYS A 157 3.47 1.80 -10.51
CA LYS A 157 2.46 2.25 -11.47
C LYS A 157 1.10 2.34 -10.79
N ALA A 158 0.77 1.36 -9.96
CA ALA A 158 -0.52 1.35 -9.29
C ALA A 158 -0.62 2.51 -8.31
N LEU A 159 0.42 2.73 -7.52
CA LEU A 159 0.42 3.80 -6.53
C LEU A 159 0.40 5.17 -7.19
N ASP A 160 1.22 5.38 -8.23
CA ASP A 160 1.15 6.66 -8.92
C ASP A 160 -0.25 6.89 -9.47
N TYR A 161 -0.88 5.84 -9.99
CA TYR A 161 -2.23 5.98 -10.50
C TYR A 161 -3.20 6.36 -9.40
N CYS A 162 -3.24 5.61 -8.30
CA CYS A 162 -4.23 5.94 -7.28
C CYS A 162 -3.96 7.31 -6.65
N HIS A 163 -2.70 7.65 -6.41
CA HIS A 163 -2.37 8.97 -5.89
C HIS A 163 -2.83 10.06 -6.86
N SER A 164 -2.65 9.84 -8.17
CA SER A 164 -3.08 10.82 -9.17
C SER A 164 -4.60 10.96 -9.19
N LYS A 165 -5.30 9.93 -8.73
CA LYS A 165 -6.75 9.89 -8.60
C LYS A 165 -7.20 10.35 -7.21
N GLY A 166 -6.31 10.93 -6.44
CA GLY A 166 -6.66 11.53 -5.17
C GLY A 166 -6.86 10.56 -4.04
N ILE A 167 -6.31 9.35 -4.14
CA ILE A 167 -6.58 8.26 -3.20
C ILE A 167 -5.28 7.74 -2.60
N MET A 168 -5.28 7.59 -1.27
CA MET A 168 -4.24 6.92 -0.51
C MET A 168 -4.70 5.49 -0.25
N HIS A 169 -3.84 4.49 -0.48
CA HIS A 169 -4.23 3.11 -0.23
C HIS A 169 -4.27 2.79 1.26
N ARG A 170 -3.22 3.14 1.98
CA ARG A 170 -3.11 3.04 3.44
C ARG A 170 -2.96 1.62 3.96
N ASP A 171 -2.75 0.63 3.09
CA ASP A 171 -2.51 -0.72 3.60
C ASP A 171 -1.61 -1.46 2.63
N VAL A 172 -0.56 -0.82 2.14
CA VAL A 172 0.39 -1.47 1.25
C VAL A 172 1.24 -2.44 2.08
N LYS A 173 1.29 -3.68 1.64
CA LYS A 173 2.03 -4.74 2.29
C LYS A 173 2.03 -5.94 1.34
N PRO A 174 2.93 -6.89 1.53
CA PRO A 174 2.98 -8.05 0.62
C PRO A 174 1.65 -8.77 0.43
N HIS A 175 0.87 -8.95 1.49
CA HIS A 175 -0.40 -9.66 1.38
C HIS A 175 -1.38 -8.93 0.50
N ASN A 176 -1.22 -7.62 0.29
CA ASN A 176 -2.11 -6.86 -0.58
C ASN A 176 -1.53 -6.59 -1.96
N VAL A 177 -0.42 -7.20 -2.29
CA VAL A 177 0.21 -7.07 -3.59
C VAL A 177 0.24 -8.48 -4.19
N MET A 178 -0.76 -8.80 -5.00
N MET A 178 -0.77 -8.80 -4.98
CA MET A 178 -0.89 -10.13 -5.58
CA MET A 178 -0.86 -10.13 -5.60
C MET A 178 0.01 -10.21 -6.81
C MET A 178 0.12 -10.15 -6.75
N ILE A 179 0.91 -11.20 -6.83
CA ILE A 179 1.86 -11.38 -7.91
C ILE A 179 1.69 -12.78 -8.46
N ASP A 180 1.33 -12.86 -9.74
CA ASP A 180 1.38 -14.11 -10.50
C ASP A 180 2.75 -14.16 -11.15
N HIS A 181 3.65 -14.94 -10.57
CA HIS A 181 5.04 -14.94 -11.02
C HIS A 181 5.22 -15.73 -12.29
N GLN A 182 4.21 -16.48 -12.71
CA GLN A 182 4.30 -17.17 -13.98
C GLN A 182 3.95 -16.26 -15.14
N GLN A 183 2.86 -15.49 -15.03
CA GLN A 183 2.50 -14.54 -16.07
C GLN A 183 3.10 -13.15 -15.86
N LYS A 184 3.82 -12.94 -14.76
CA LYS A 184 4.40 -11.64 -14.44
C LYS A 184 3.31 -10.56 -14.37
N LYS A 185 2.27 -10.82 -13.58
CA LYS A 185 1.12 -9.93 -13.40
C LYS A 185 1.09 -9.53 -11.93
N LEU A 186 0.89 -8.25 -11.67
CA LEU A 186 0.80 -7.73 -10.31
C LEU A 186 -0.48 -6.93 -10.16
N ARG A 187 -1.17 -7.11 -9.04
CA ARG A 187 -2.35 -6.32 -8.74
C ARG A 187 -2.33 -5.87 -7.29
N LEU A 188 -2.58 -4.58 -7.06
CA LEU A 188 -2.78 -4.03 -5.72
C LEU A 188 -4.24 -4.19 -5.32
N ILE A 189 -4.46 -4.93 -4.22
CA ILE A 189 -5.79 -5.33 -3.75
C ILE A 189 -6.09 -4.71 -2.39
N ASP A 190 -7.26 -5.02 -1.86
CA ASP A 190 -7.79 -4.62 -0.56
C ASP A 190 -7.75 -3.13 -0.33
N TRP A 191 -8.70 -2.48 -0.97
CA TRP A 191 -8.95 -1.05 -0.92
C TRP A 191 -9.86 -0.66 0.24
N GLY A 192 -10.04 -1.56 1.21
CA GLY A 192 -10.95 -1.30 2.30
C GLY A 192 -10.48 -0.26 3.29
N LEU A 193 -9.18 0.03 3.35
CA LEU A 193 -8.67 1.12 4.19
C LEU A 193 -8.39 2.40 3.41
N ALA A 194 -8.58 2.40 2.10
CA ALA A 194 -8.19 3.54 1.29
C ALA A 194 -9.09 4.73 1.56
N GLU A 195 -8.54 5.92 1.33
CA GLU A 195 -9.26 7.16 1.59
C GLU A 195 -8.88 8.21 0.56
N PHE A 196 -9.75 9.19 0.42
CA PHE A 196 -9.49 10.37 -0.41
C PHE A 196 -8.62 11.36 0.36
N TYR A 197 -7.59 11.90 -0.32
CA TYR A 197 -6.74 12.93 0.23
C TYR A 197 -7.33 14.31 -0.02
N HIS A 198 -7.44 15.08 1.05
CA HIS A 198 -7.87 16.47 1.03
C HIS A 198 -6.86 17.25 1.87
N PRO A 199 -6.31 18.35 1.35
CA PRO A 199 -5.25 19.06 2.09
C PRO A 199 -5.74 19.53 3.43
N ALA A 200 -4.90 19.36 4.44
CA ALA A 200 -5.13 19.77 5.80
C ALA A 200 -6.08 18.82 6.54
N GLN A 201 -6.61 17.79 5.90
CA GLN A 201 -7.50 16.88 6.60
C GLN A 201 -6.70 16.02 7.57
N GLU A 202 -7.24 15.81 8.75
CA GLU A 202 -6.66 14.91 9.74
C GLU A 202 -7.29 13.53 9.63
N TYR A 203 -6.45 12.53 9.49
CA TYR A 203 -6.87 11.17 9.24
C TYR A 203 -6.58 10.30 10.47
N ASN A 204 -7.31 9.19 10.53
CA ASN A 204 -7.09 8.20 11.56
C ASN A 204 -5.75 7.53 11.35
N VAL A 205 -4.93 7.46 12.42
CA VAL A 205 -3.62 6.83 12.30
C VAL A 205 -3.70 5.31 12.44
N ARG A 206 -4.86 4.76 12.75
CA ARG A 206 -5.03 3.30 12.89
C ARG A 206 -5.30 2.70 11.52
N VAL A 207 -4.28 2.79 10.67
CA VAL A 207 -4.29 2.22 9.34
C VAL A 207 -2.96 1.49 9.15
N ALA A 208 -2.91 0.73 8.06
CA ALA A 208 -1.78 -0.09 7.67
C ALA A 208 -1.45 -1.20 8.68
N SER A 209 -0.65 -2.09 8.28
N SER A 209 -0.71 -2.23 8.19
CA SER A 209 -0.38 -3.18 9.17
CA SER A 209 -0.15 -3.28 9.04
C SER A 209 0.96 -2.88 9.81
C SER A 209 0.96 -2.72 9.90
N ARG A 210 1.12 -3.26 11.10
CA ARG A 210 2.18 -2.81 11.98
C ARG A 210 3.52 -2.62 11.27
N TYR A 211 3.98 -3.63 10.54
CA TYR A 211 5.34 -3.61 10.01
C TYR A 211 5.52 -2.57 8.91
N PHE A 212 4.41 -2.08 8.36
CA PHE A 212 4.36 -1.18 7.22
C PHE A 212 3.86 0.20 7.59
N LYS A 213 3.62 0.44 8.87
CA LYS A 213 3.18 1.74 9.33
C LYS A 213 4.33 2.76 9.27
N GLY A 214 4.10 3.89 8.65
CA GLY A 214 5.08 4.94 8.64
C GLY A 214 5.24 5.56 10.02
N PRO A 215 6.41 6.19 10.25
CA PRO A 215 6.63 6.86 11.55
C PRO A 215 5.57 7.87 11.89
N GLU A 216 5.00 8.55 10.89
CA GLU A 216 3.91 9.48 11.17
C GLU A 216 2.76 8.82 11.92
N LEU A 217 2.39 7.60 11.52
CA LEU A 217 1.31 6.91 12.22
C LEU A 217 1.72 6.57 13.64
N LEU A 218 2.95 6.12 13.80
CA LEU A 218 3.44 5.62 15.08
C LEU A 218 3.60 6.72 16.11
N VAL A 219 3.74 7.97 15.65
CA VAL A 219 3.82 9.13 16.54
C VAL A 219 2.51 9.93 16.55
N ASP A 220 1.44 9.37 16.01
CA ASP A 220 0.08 9.94 16.09
C ASP A 220 -0.02 11.26 15.33
N TYR A 221 0.68 11.38 14.22
CA TYR A 221 0.58 12.55 13.36
C TYR A 221 -0.50 12.31 12.30
N GLN A 222 -1.60 13.06 12.40
CA GLN A 222 -2.79 12.78 11.60
C GLN A 222 -2.82 13.47 10.24
N MET A 223 -1.98 14.46 10.00
CA MET A 223 -2.03 15.24 8.77
C MET A 223 -1.10 14.64 7.71
N TYR A 224 -1.31 13.35 7.43
CA TYR A 224 -0.48 12.58 6.51
C TYR A 224 -1.10 12.57 5.12
N ASP A 225 -0.40 11.92 4.18
CA ASP A 225 -0.79 12.00 2.78
C ASP A 225 -0.34 10.73 2.04
N TYR A 226 -0.36 10.79 0.70
CA TYR A 226 0.05 9.67 -0.16
C TYR A 226 1.42 9.13 0.21
N SER A 227 2.29 9.98 0.78
CA SER A 227 3.62 9.56 1.16
C SER A 227 3.63 8.43 2.18
N LEU A 228 2.54 8.21 2.91
CA LEU A 228 2.46 7.05 3.80
C LEU A 228 2.67 5.77 3.00
N ASP A 229 2.05 5.69 1.81
CA ASP A 229 2.18 4.50 0.96
C ASP A 229 3.61 4.32 0.49
N MET A 230 4.36 5.40 0.34
CA MET A 230 5.74 5.32 -0.11
C MET A 230 6.67 4.79 0.99
N TRP A 231 6.36 5.08 2.26
CA TRP A 231 7.04 4.39 3.36
C TRP A 231 6.82 2.89 3.25
N SER A 232 5.56 2.49 3.13
CA SER A 232 5.22 1.07 3.07
C SER A 232 5.92 0.39 1.89
N LEU A 233 5.94 1.07 0.75
CA LEU A 233 6.64 0.54 -0.42
C LEU A 233 8.13 0.38 -0.12
N GLY A 234 8.73 1.39 0.53
CA GLY A 234 10.12 1.27 0.93
C GLY A 234 10.38 0.08 1.81
N CYS A 235 9.48 -0.20 2.75
CA CYS A 235 9.62 -1.37 3.60
C CYS A 235 9.63 -2.64 2.75
N MET A 236 8.76 -2.72 1.76
CA MET A 236 8.74 -3.86 0.87
C MET A 236 10.03 -3.97 0.07
N LEU A 237 10.51 -2.86 -0.48
CA LEU A 237 11.77 -2.87 -1.21
C LEU A 237 12.91 -3.38 -0.34
N ALA A 238 13.02 -2.87 0.90
CA ALA A 238 14.08 -3.31 1.80
C ALA A 238 13.99 -4.80 2.02
N SER A 239 12.78 -5.32 2.25
CA SER A 239 12.63 -6.75 2.50
C SER A 239 13.06 -7.59 1.31
N MET A 240 12.83 -7.08 0.10
CA MET A 240 13.17 -7.82 -1.10
C MET A 240 14.68 -7.81 -1.35
N ILE A 241 15.31 -6.64 -1.31
CA ILE A 241 16.74 -6.58 -1.64
C ILE A 241 17.58 -7.18 -0.51
N PHE A 242 17.13 -7.08 0.75
CA PHE A 242 17.92 -7.61 1.86
C PHE A 242 17.50 -8.99 2.31
N ARG A 243 16.34 -9.48 1.88
N ARG A 243 16.29 -9.43 1.91
CA ARG A 243 15.82 -10.79 2.32
CA ARG A 243 15.69 -10.73 2.23
C ARG A 243 15.66 -10.82 3.85
C ARG A 243 15.25 -10.87 3.68
N ARG A 244 15.10 -9.78 4.39
CA ARG A 244 14.65 -9.75 5.78
C ARG A 244 13.19 -9.30 5.69
N GLU A 245 12.27 -10.23 5.93
CA GLU A 245 10.85 -9.98 5.71
C GLU A 245 10.07 -10.36 6.96
N PRO A 246 9.29 -9.45 7.56
CA PRO A 246 9.30 -8.01 7.28
C PRO A 246 10.61 -7.38 7.71
N PHE A 247 10.88 -6.22 7.13
CA PHE A 247 12.16 -5.57 7.38
C PHE A 247 12.25 -4.97 8.79
N PHE A 248 11.21 -4.30 9.23
CA PHE A 248 11.13 -3.72 10.56
C PHE A 248 10.08 -4.51 11.34
N HIS A 249 10.53 -5.37 12.25
CA HIS A 249 9.66 -6.39 12.84
C HIS A 249 9.32 -6.02 14.28
N GLY A 250 8.48 -5.01 14.45
CA GLY A 250 8.09 -4.62 15.79
C GLY A 250 7.18 -5.63 16.47
N GLN A 251 7.25 -5.67 17.80
CA GLN A 251 6.36 -6.52 18.59
C GLN A 251 5.02 -5.88 18.91
N ASP A 252 4.93 -4.55 18.81
CA ASP A 252 3.73 -3.76 19.04
C ASP A 252 4.04 -2.41 18.40
N ASN A 253 3.09 -1.47 18.45
CA ASN A 253 3.30 -0.21 17.75
C ASN A 253 4.44 0.61 18.36
N TYR A 254 4.62 0.49 19.68
CA TYR A 254 5.72 1.21 20.31
C TYR A 254 7.04 0.65 19.82
N ASP A 255 7.18 -0.67 19.91
CA ASP A 255 8.40 -1.31 19.48
C ASP A 255 8.66 -1.10 17.99
N GLN A 256 7.60 -0.93 17.19
CA GLN A 256 7.80 -0.70 15.77
C GLN A 256 8.61 0.56 15.55
N LEU A 257 8.32 1.63 16.30
CA LEU A 257 9.09 2.85 16.12
C LEU A 257 10.52 2.67 16.61
N VAL A 258 10.71 1.92 17.71
CA VAL A 258 12.06 1.64 18.19
C VAL A 258 12.87 0.93 17.11
N ARG A 259 12.26 -0.07 16.45
CA ARG A 259 12.95 -0.80 15.40
C ARG A 259 13.38 0.13 14.28
N ILE A 260 12.50 1.05 13.90
CA ILE A 260 12.84 2.05 12.88
C ILE A 260 13.99 2.94 13.35
N ALA A 261 13.93 3.42 14.59
CA ALA A 261 14.92 4.36 15.11
C ALA A 261 16.29 3.72 15.24
N LYS A 262 16.33 2.41 15.45
CA LYS A 262 17.62 1.74 15.52
C LYS A 262 18.32 1.72 14.17
N VAL A 263 17.60 1.98 13.08
CA VAL A 263 18.18 2.07 11.75
C VAL A 263 18.35 3.53 11.33
N LEU A 264 17.29 4.30 11.41
CA LEU A 264 17.31 5.68 10.93
C LEU A 264 17.92 6.67 11.92
N GLY A 265 18.05 6.30 13.19
CA GLY A 265 18.66 7.12 14.20
C GLY A 265 17.66 7.87 15.07
N THR A 266 18.02 8.06 16.34
CA THR A 266 17.16 8.78 17.27
C THR A 266 17.28 10.30 17.13
N GLU A 267 18.48 10.86 16.98
CA GLU A 267 18.57 12.30 16.78
C GLU A 267 17.77 12.70 15.54
N GLU A 268 17.79 11.86 14.53
CA GLU A 268 17.07 12.14 13.30
C GLU A 268 15.56 12.10 13.51
N LEU A 269 15.08 11.17 14.33
CA LEU A 269 13.68 11.16 14.71
C LEU A 269 13.29 12.46 15.39
N TYR A 270 14.10 12.91 16.35
CA TYR A 270 13.74 14.12 17.08
C TYR A 270 13.72 15.33 16.17
N GLY A 271 14.58 15.40 15.16
CA GLY A 271 14.52 16.49 14.19
C GLY A 271 13.22 16.51 13.42
N TYR A 272 12.73 15.34 13.03
CA TYR A 272 11.46 15.21 12.35
C TYR A 272 10.32 15.69 13.24
N LEU A 273 10.29 15.20 14.48
CA LEU A 273 9.25 15.62 15.41
C LEU A 273 9.26 17.12 15.60
N LYS A 274 10.44 17.70 15.71
CA LYS A 274 10.52 19.14 15.94
C LYS A 274 9.98 19.91 14.75
N LYS A 275 10.31 19.45 13.54
CA LYS A 275 9.88 20.16 12.34
C LYS A 275 8.35 20.25 12.25
N TYR A 276 7.65 19.20 12.64
CA TYR A 276 6.20 19.12 12.52
C TYR A 276 5.49 19.37 13.83
N HIS A 277 6.22 19.77 14.85
CA HIS A 277 5.65 20.10 16.16
C HIS A 277 4.91 18.91 16.73
N ILE A 278 5.51 17.74 16.64
CA ILE A 278 4.85 16.52 17.03
C ILE A 278 5.20 16.22 18.45
N ASP A 279 4.16 15.93 19.22
CA ASP A 279 4.24 15.49 20.59
C ASP A 279 4.41 13.98 20.65
N LEU A 280 5.41 13.55 21.42
CA LEU A 280 5.73 12.14 21.59
C LEU A 280 5.14 11.58 22.87
N ASP A 281 4.41 10.49 22.73
CA ASP A 281 3.86 9.80 23.88
C ASP A 281 5.00 9.49 24.83
N PRO A 282 4.88 9.84 26.11
CA PRO A 282 6.03 9.71 27.01
C PRO A 282 6.44 8.28 27.28
N HIS A 283 5.61 7.31 26.95
CA HIS A 283 6.09 5.94 27.08
C HIS A 283 7.33 5.69 26.22
N PHE A 284 7.48 6.43 25.13
CA PHE A 284 8.64 6.21 24.27
C PHE A 284 9.97 6.56 24.96
N ASN A 285 9.95 7.43 25.97
CA ASN A 285 11.20 7.88 26.56
C ASN A 285 11.98 6.72 27.17
N ASP A 286 11.28 5.69 27.63
CA ASP A 286 11.94 4.61 28.33
C ASP A 286 12.35 3.47 27.42
N ILE A 287 12.01 3.53 26.14
CA ILE A 287 12.29 2.44 25.22
C ILE A 287 13.09 2.84 23.98
N LEU A 288 13.13 4.12 23.58
CA LEU A 288 13.81 4.48 22.34
C LEU A 288 15.32 4.36 22.43
N GLY A 289 15.89 4.62 23.61
CA GLY A 289 17.34 4.58 23.72
C GLY A 289 18.02 5.67 22.89
N GLN A 290 19.26 5.39 22.50
CA GLN A 290 20.08 6.31 21.74
C GLN A 290 20.72 5.50 20.64
N HIS A 291 20.46 5.88 19.39
CA HIS A 291 20.92 5.10 18.25
C HIS A 291 21.42 6.00 17.14
N SER A 292 22.60 5.70 16.63
CA SER A 292 23.11 6.39 15.47
C SER A 292 22.35 5.94 14.22
N ARG A 293 22.33 6.80 13.21
CA ARG A 293 21.82 6.39 11.91
C ARG A 293 22.77 5.37 11.29
N LYS A 294 22.22 4.28 10.78
CA LYS A 294 23.03 3.20 10.23
C LYS A 294 23.18 3.35 8.73
N ARG A 295 24.33 2.94 8.22
CA ARG A 295 24.50 2.87 6.77
C ARG A 295 23.74 1.68 6.21
N TRP A 296 23.06 1.90 5.07
CA TRP A 296 22.24 0.85 4.47
C TRP A 296 23.10 -0.33 4.04
N GLU A 297 24.38 -0.09 3.74
CA GLU A 297 25.30 -1.18 3.41
C GLU A 297 25.46 -2.17 4.56
N ASN A 298 25.14 -1.78 5.80
CA ASN A 298 25.24 -2.68 6.95
C ASN A 298 24.35 -3.91 6.81
N PHE A 299 23.33 -3.84 5.97
CA PHE A 299 22.39 -4.94 5.80
C PHE A 299 22.81 -5.94 4.75
N ILE A 300 23.90 -5.66 4.03
CA ILE A 300 24.38 -6.55 2.98
C ILE A 300 25.19 -7.68 3.61
N HIS A 301 24.96 -8.89 3.11
CA HIS A 301 25.85 -10.00 3.44
C HIS A 301 25.77 -11.00 2.28
N SER A 302 26.44 -12.14 2.45
CA SER A 302 26.64 -12.98 1.28
C SER A 302 25.32 -13.45 0.70
N GLU A 303 24.27 -13.57 1.53
CA GLU A 303 22.98 -14.09 1.09
C GLU A 303 22.17 -13.09 0.25
N ASN A 304 22.46 -11.80 0.32
CA ASN A 304 21.67 -10.82 -0.43
C ASN A 304 22.49 -9.92 -1.35
N ARG A 305 23.80 -10.14 -1.45
CA ARG A 305 24.65 -9.14 -2.09
C ARG A 305 24.28 -8.98 -3.56
N HIS A 306 23.84 -10.06 -4.21
CA HIS A 306 23.50 -10.02 -5.62
C HIS A 306 22.24 -9.21 -5.92
N LEU A 307 21.47 -8.84 -4.89
CA LEU A 307 20.26 -8.04 -5.08
C LEU A 307 20.49 -6.56 -4.77
N VAL A 308 21.64 -6.21 -4.23
CA VAL A 308 21.91 -4.87 -3.73
C VAL A 308 22.89 -4.20 -4.68
N SER A 309 22.61 -2.98 -5.03
CA SER A 309 23.44 -2.17 -5.90
C SER A 309 23.48 -0.76 -5.30
N PRO A 310 24.38 0.10 -5.77
CA PRO A 310 24.34 1.49 -5.31
C PRO A 310 23.02 2.15 -5.63
N GLU A 311 22.46 1.86 -6.82
N GLU A 311 22.43 1.83 -6.77
CA GLU A 311 21.15 2.40 -7.18
CA GLU A 311 21.18 2.47 -7.14
C GLU A 311 20.08 1.98 -6.18
C GLU A 311 20.01 1.96 -6.28
N ALA A 312 20.01 0.69 -5.88
CA ALA A 312 19.00 0.22 -4.94
C ALA A 312 19.09 0.95 -3.63
N LEU A 313 20.31 1.10 -3.10
CA LEU A 313 20.49 1.74 -1.80
C LEU A 313 20.12 3.22 -1.84
N ASP A 314 20.46 3.90 -2.92
CA ASP A 314 20.09 5.30 -3.07
C ASP A 314 18.59 5.47 -3.09
N LEU A 315 17.89 4.63 -3.87
CA LEU A 315 16.44 4.68 -3.89
C LEU A 315 15.86 4.40 -2.50
N LEU A 316 16.35 3.34 -1.84
CA LEU A 316 15.79 2.98 -0.54
C LEU A 316 15.96 4.11 0.46
N ASP A 317 17.15 4.74 0.45
CA ASP A 317 17.45 5.82 1.37
C ASP A 317 16.50 7.00 1.18
N LYS A 318 15.97 7.17 -0.03
CA LYS A 318 15.07 8.26 -0.36
C LYS A 318 13.60 7.92 -0.11
N LEU A 319 13.28 6.66 0.21
CA LEU A 319 11.94 6.22 0.57
C LEU A 319 11.79 6.09 2.09
N LEU A 320 12.76 5.43 2.74
CA LEU A 320 12.70 5.18 4.18
C LEU A 320 13.33 6.35 4.92
N ARG A 321 12.59 7.46 4.91
CA ARG A 321 12.93 8.70 5.57
C ARG A 321 11.82 9.02 6.57
N TYR A 322 12.19 9.54 7.75
CA TYR A 322 11.17 9.97 8.68
C TYR A 322 10.26 11.01 8.04
N ASP A 323 10.85 12.02 7.41
CA ASP A 323 10.09 13.17 6.93
C ASP A 323 9.27 12.77 5.70
N HIS A 324 7.97 12.56 5.93
CA HIS A 324 7.08 12.09 4.88
C HIS A 324 7.12 12.99 3.66
N GLN A 325 7.29 14.32 3.88
N GLN A 325 7.30 14.28 3.87
CA GLN A 325 7.32 15.29 2.79
CA GLN A 325 7.25 15.22 2.77
C GLN A 325 8.50 15.07 1.87
C GLN A 325 8.52 15.24 1.94
N GLN A 326 9.59 14.58 2.40
CA GLN A 326 10.83 14.47 1.66
C GLN A 326 10.98 13.12 1.00
N ARG A 327 10.14 12.14 1.31
CA ARG A 327 10.19 10.88 0.60
C ARG A 327 9.90 11.10 -0.88
N LEU A 328 10.46 10.26 -1.73
CA LEU A 328 10.08 10.31 -3.13
C LEU A 328 8.58 10.08 -3.30
N THR A 329 8.02 10.76 -4.29
CA THR A 329 6.69 10.43 -4.78
C THR A 329 6.77 9.13 -5.58
N ALA A 330 5.64 8.50 -5.86
CA ALA A 330 5.66 7.29 -6.68
C ALA A 330 6.30 7.57 -8.04
N LYS A 331 5.96 8.72 -8.64
CA LYS A 331 6.55 9.11 -9.91
C LYS A 331 8.07 9.31 -9.81
N GLU A 332 8.53 10.04 -8.80
CA GLU A 332 9.97 10.25 -8.64
C GLU A 332 10.68 8.91 -8.46
N ALA A 333 10.07 8.00 -7.71
CA ALA A 333 10.66 6.67 -7.58
C ALA A 333 10.73 5.97 -8.93
N MET A 334 9.65 6.00 -9.70
CA MET A 334 9.66 5.38 -11.03
C MET A 334 10.75 5.94 -11.94
N GLU A 335 11.08 7.22 -11.76
N GLU A 335 11.11 7.19 -11.73
CA GLU A 335 12.09 7.87 -12.59
CA GLU A 335 12.09 7.87 -12.56
C GLU A 335 13.52 7.55 -12.15
C GLU A 335 13.51 7.66 -12.07
N HIS A 336 13.69 6.91 -10.99
CA HIS A 336 15.02 6.68 -10.44
C HIS A 336 15.81 5.73 -11.34
N PRO A 337 17.14 5.92 -11.42
CA PRO A 337 17.96 5.00 -12.21
C PRO A 337 17.82 3.53 -11.88
N TYR A 338 17.46 3.18 -10.65
CA TYR A 338 17.25 1.77 -10.34
C TYR A 338 16.32 1.09 -11.33
N PHE A 339 15.33 1.78 -11.85
CA PHE A 339 14.38 1.19 -12.77
C PHE A 339 14.76 1.33 -14.24
N TYR A 340 15.88 1.97 -14.57
CA TYR A 340 16.24 2.08 -15.97
C TYR A 340 16.28 0.72 -16.68
N PRO A 341 16.82 -0.34 -16.10
CA PRO A 341 16.82 -1.63 -16.83
C PRO A 341 15.42 -2.13 -17.17
N VAL A 342 14.44 -1.81 -16.32
CA VAL A 342 13.06 -2.20 -16.57
C VAL A 342 12.46 -1.38 -17.70
N VAL A 343 12.66 -0.07 -17.66
CA VAL A 343 12.15 0.80 -18.71
C VAL A 343 12.73 0.40 -20.05
N LYS A 344 14.04 0.13 -20.08
CA LYS A 344 14.70 -0.23 -21.32
C LYS A 344 14.13 -1.53 -21.89
N GLU A 345 13.95 -2.53 -21.04
CA GLU A 345 13.35 -3.79 -21.51
C GLU A 345 11.93 -3.58 -22.00
N GLN A 346 11.19 -2.65 -21.39
CA GLN A 346 9.80 -2.36 -21.72
C GLN A 346 9.65 -1.74 -23.09
N SER A 347 10.72 -1.11 -23.61
CA SER A 347 10.69 -0.51 -24.94
C SER A 347 11.51 -1.27 -25.97
N GLN A 348 12.33 -2.22 -25.55
CA GLN A 348 13.10 -3.05 -26.48
C GLN A 348 12.86 -4.54 -26.25
C04 QWN B . -9.24 -8.90 -1.81
C06 QWN B . -8.62 -10.51 -3.24
C08 QWN B . -8.93 -9.70 -4.34
C10 QWN B . -9.38 -8.42 -4.17
C11 QWN B . -9.55 -8.02 -2.83
N01 QWN B . -9.93 -6.86 -2.26
N02 QWN B . -9.90 -7.05 -0.92
N03 QWN B . -9.48 -8.30 -0.62
N05 QWN B . -8.79 -10.15 -2.00
BR9 QWN B . -8.72 -10.33 -6.11
CL7 QWN B . -7.98 -12.12 -3.47
H101 QWN B . -9.54 -7.85 -4.88
H011 QWN B . -10.15 -6.13 -2.68
CL CL C . -9.42 8.45 8.24
C1 EDO D . 9.24 -4.44 -18.50
O1 EDO D . 10.64 -4.51 -18.21
C2 EDO D . 8.80 -3.54 -17.39
O2 EDO D . 7.43 -3.30 -17.33
H11 EDO D . 8.76 -5.43 -18.46
H12 EDO D . 9.05 -4.02 -19.49
HO1 EDO D . 11.05 -5.16 -18.79
H21 EDO D . 9.32 -2.58 -17.50
H22 EDO D . 9.11 -3.98 -16.45
HO2 EDO D . 7.24 -2.71 -16.59
C1 EDO E . -2.47 19.07 -7.36
O1 EDO E . -2.64 20.19 -6.50
C2 EDO E . -3.68 18.47 -8.05
O2 EDO E . -4.13 19.16 -9.22
H11 EDO E . -2.01 18.28 -6.78
H12 EDO E . -1.76 19.37 -8.14
HO1 EDO E . -1.79 20.51 -6.21
H21 EDO E . -4.51 18.44 -7.33
H22 EDO E . -3.44 17.44 -8.32
HO2 EDO E . -4.83 18.66 -9.65
C1 EDO F . -29.90 -6.64 -5.43
O1 EDO F . -30.88 -6.79 -4.42
C2 EDO F . -29.73 -7.98 -6.12
O2 EDO F . -30.11 -7.82 -7.50
H11 EDO F . -28.95 -6.32 -4.99
H12 EDO F . -30.21 -5.87 -6.14
HO1 EDO F . -30.99 -5.96 -3.94
H21 EDO F . -30.36 -8.74 -5.64
H22 EDO F . -28.69 -8.32 -6.06
HO2 EDO F . -30.20 -8.70 -7.91
C1 EDO G . 4.59 -9.14 6.87
O1 EDO G . 4.49 -9.09 5.47
C2 EDO G . 4.19 -10.49 7.38
O2 EDO G . 5.27 -11.38 7.06
H11 EDO G . 3.92 -8.38 7.30
H12 EDO G . 5.61 -8.91 7.18
HO1 EDO G . 4.80 -8.23 5.15
H21 EDO G . 3.27 -10.84 6.89
H22 EDO G . 4.01 -10.47 8.45
HO2 EDO G . 5.14 -12.23 7.50
C1 EDO H . 14.54 14.15 6.03
O1 EDO H . 14.61 13.96 4.63
C2 EDO H . 14.54 12.70 6.46
O2 EDO H . 13.77 12.50 7.60
H11 EDO H . 13.64 14.68 6.34
H12 EDO H . 15.41 14.69 6.43
HO1 EDO H . 14.39 14.80 4.19
H21 EDO H . 15.56 12.39 6.65
H22 EDO H . 14.15 12.09 5.64
HO2 EDO H . 13.78 11.56 7.83
C1 EDO I . 13.56 10.69 -9.56
O1 EDO I . 13.38 12.04 -9.06
C2 EDO I . 14.57 9.78 -8.81
O2 EDO I . 15.92 10.19 -9.13
H11 EDO I . 13.88 10.76 -10.60
H12 EDO I . 12.58 10.19 -9.55
HO1 EDO I . 12.94 12.57 -9.73
H21 EDO I . 14.40 9.84 -7.73
H22 EDO I . 14.41 8.74 -9.10
HO2 EDO I . 16.54 9.68 -8.57
#